data_2P1U
#
_entry.id   2P1U
#
_cell.length_a   67.638
_cell.length_b   67.638
_cell.length_c   109.996
_cell.angle_alpha   90.00
_cell.angle_beta   90.00
_cell.angle_gamma   90.00
#
_symmetry.space_group_name_H-M   'P 43 21 2'
#
loop_
_entity.id
_entity.type
_entity.pdbx_description
1 polymer 'Retinoic acid receptor RXR-alpha'
2 polymer 'Nuclear receptor coactivator 2 peptide'
3 non-polymer '(2E)-3-[3-(3-ETHOXY-5,5,8,8-TETRAMETHYL-5,6,7,8-TETRAHYDRONAPHTHALEN-2-YL)-4-HYDROXYPHENYL]ACRYLIC ACID'
4 water water
#
loop_
_entity_poly.entity_id
_entity_poly.type
_entity_poly.pdbx_seq_one_letter_code
_entity_poly.pdbx_strand_id
1 'polypeptide(L)'
;TSSANEDMPVERILEAELAVEPKTETYVEANMGLNPSSPNDPVTNICQAADKQLFTLVEWAKRIPHFSELPLDDQVILLR
AGWNELLIASFSHRSIAVKDGILLATGLHVHRNSAHSAGVGAIFDRVLTELVSKMRDMQMDKTELGCLRAIVLFNPDSKG
LSNPAEVEALREKVYASLEAYCKHKYPEQPGRFAKLLLRLPALRSIGLKCLEHLFFFKLIGDTPIDTFLMEMLEAPHQMT
;
A
2 'polypeptide(L)' KHKILHRLLQDSS B
#
# COMPACT_ATOMS: atom_id res chain seq x y z
N ASP A 7 18.48 4.62 12.44
CA ASP A 7 17.35 5.20 13.24
C ASP A 7 16.11 5.30 12.37
N MET A 8 14.95 5.08 12.98
CA MET A 8 13.67 5.02 12.26
C MET A 8 12.53 5.65 13.07
N PRO A 9 12.47 6.99 13.12
CA PRO A 9 11.47 7.65 13.97
C PRO A 9 10.05 7.58 13.39
N VAL A 10 9.11 7.17 14.23
CA VAL A 10 7.69 7.07 13.83
C VAL A 10 7.09 8.44 13.49
N GLU A 11 7.63 9.49 14.07
CA GLU A 11 7.23 10.85 13.73
C GLU A 11 7.58 11.22 12.27
N ARG A 12 8.69 10.69 11.75
CA ARG A 12 9.04 10.88 10.33
C ARG A 12 8.13 10.04 9.42
N ILE A 13 7.83 8.82 9.86
CA ILE A 13 6.92 7.94 9.12
C ILE A 13 5.52 8.55 9.05
N LEU A 14 5.03 9.05 10.19
CA LEU A 14 3.74 9.74 10.25
C LEU A 14 3.74 10.96 9.35
N GLU A 15 4.80 11.77 9.41
CA GLU A 15 4.95 12.92 8.52
C GLU A 15 4.83 12.53 7.04
N ALA A 16 5.42 11.38 6.67
CA ALA A 16 5.32 10.83 5.31
C ALA A 16 3.87 10.56 4.90
N GLU A 17 3.11 9.88 5.77
CA GLU A 17 1.68 9.66 5.58
C GLU A 17 0.89 10.97 5.42
N LEU A 18 1.15 11.92 6.32
CA LEU A 18 0.39 13.17 6.33
C LEU A 18 0.77 14.10 5.19
N ALA A 19 1.96 13.90 4.62
CA ALA A 19 2.43 14.70 3.49
C ALA A 19 1.64 14.43 2.21
N VAL A 20 1.15 13.20 2.06
CA VAL A 20 0.60 12.75 0.79
C VAL A 20 -0.95 12.67 0.74
N GLU A 21 -1.60 13.08 1.82
CA GLU A 21 -3.07 13.11 1.87
C GLU A 21 -3.69 14.09 0.88
N ASP A 41 -17.43 2.34 -16.05
CA ASP A 41 -17.85 1.74 -14.78
C ASP A 41 -16.88 2.03 -13.62
N PRO A 42 -17.11 1.41 -12.45
CA PRO A 42 -16.17 1.54 -11.35
C PRO A 42 -14.74 1.08 -11.68
N VAL A 43 -14.60 0.02 -12.49
CA VAL A 43 -13.26 -0.48 -12.82
C VAL A 43 -12.37 0.60 -13.47
N THR A 44 -12.92 1.33 -14.43
CA THR A 44 -12.23 2.46 -15.06
C THR A 44 -11.83 3.53 -14.03
N ASN A 45 -12.79 3.95 -13.20
CA ASN A 45 -12.52 4.86 -12.09
C ASN A 45 -11.44 4.35 -11.12
N ILE A 46 -11.48 3.04 -10.85
CA ILE A 46 -10.53 2.40 -9.93
C ILE A 46 -9.13 2.42 -10.52
N CYS A 47 -9.03 2.12 -11.81
CA CYS A 47 -7.76 2.19 -12.53
C CYS A 47 -7.19 3.60 -12.59
N GLN A 48 -8.04 4.58 -12.88
CA GLN A 48 -7.66 6.02 -12.82
C GLN A 48 -7.07 6.39 -11.47
N ALA A 49 -7.80 6.06 -10.40
CA ALA A 49 -7.36 6.33 -9.03
C ALA A 49 -6.00 5.72 -8.70
N ALA A 50 -5.80 4.45 -9.07
CA ALA A 50 -4.55 3.74 -8.80
C ALA A 50 -3.35 4.39 -9.49
N ASP A 51 -3.48 4.66 -10.79
CA ASP A 51 -2.47 5.38 -11.56
C ASP A 51 -2.11 6.73 -10.91
N LYS A 52 -3.13 7.52 -10.56
CA LYS A 52 -2.93 8.77 -9.84
C LYS A 52 -2.14 8.61 -8.54
N GLN A 53 -2.41 7.54 -7.78
CA GLN A 53 -1.73 7.34 -6.49
C GLN A 53 -0.30 6.82 -6.61
N LEU A 54 0.01 6.19 -7.74
CA LEU A 54 1.37 5.74 -8.00
C LEU A 54 2.37 6.92 -7.96
N PHE A 55 1.98 8.07 -8.50
CA PHE A 55 2.81 9.29 -8.46
C PHE A 55 3.04 9.76 -7.02
N THR A 56 1.96 9.75 -6.26
CA THR A 56 1.97 10.13 -4.85
C THR A 56 2.78 9.14 -3.98
N LEU A 57 2.76 7.86 -4.35
CA LEU A 57 3.51 6.80 -3.66
C LEU A 57 5.03 7.01 -3.71
N VAL A 58 5.53 7.42 -4.86
CA VAL A 58 6.95 7.73 -5.01
C VAL A 58 7.35 8.85 -4.02
N GLU A 59 6.51 9.88 -3.90
CA GLU A 59 6.77 10.99 -2.96
C GLU A 59 6.77 10.51 -1.50
N TRP A 60 5.84 9.61 -1.17
CA TRP A 60 5.77 9.02 0.17
C TRP A 60 7.03 8.24 0.50
N ALA A 61 7.45 7.38 -0.44
CA ALA A 61 8.65 6.55 -0.26
C ALA A 61 9.91 7.39 0.01
N LYS A 62 10.03 8.52 -0.70
CA LYS A 62 11.14 9.47 -0.52
C LYS A 62 11.20 10.05 0.89
N ARG A 63 10.05 10.13 1.55
CA ARG A 63 9.94 10.72 2.88
C ARG A 63 10.10 9.70 4.01
N ILE A 64 10.20 8.42 3.67
CA ILE A 64 10.46 7.37 4.67
C ILE A 64 11.95 7.33 4.94
N PRO A 65 12.36 7.41 6.23
CA PRO A 65 13.81 7.50 6.50
C PRO A 65 14.64 6.42 5.82
N HIS A 66 15.75 6.84 5.22
CA HIS A 66 16.77 5.96 4.63
C HIS A 66 16.42 5.28 3.30
N PHE A 67 15.16 5.40 2.85
CA PHE A 67 14.78 4.82 1.56
C PHE A 67 15.56 5.43 0.40
N SER A 68 15.63 6.77 0.37
CA SER A 68 16.33 7.49 -0.69
C SER A 68 17.84 7.21 -0.73
N GLU A 69 18.37 6.75 0.39
CA GLU A 69 19.79 6.39 0.54
C GLU A 69 20.11 5.03 -0.08
N LEU A 70 19.09 4.22 -0.31
CA LEU A 70 19.28 2.96 -1.05
C LEU A 70 19.66 3.24 -2.50
N PRO A 71 20.41 2.31 -3.14
CA PRO A 71 20.69 2.40 -4.58
C PRO A 71 19.41 2.64 -5.37
N LEU A 72 19.47 3.41 -6.46
CA LEU A 72 18.25 3.68 -7.25
C LEU A 72 17.58 2.38 -7.77
N ASP A 73 18.38 1.42 -8.23
CA ASP A 73 17.89 0.12 -8.69
C ASP A 73 17.02 -0.61 -7.66
N ASP A 74 17.43 -0.54 -6.40
CA ASP A 74 16.73 -1.22 -5.31
C ASP A 74 15.48 -0.46 -4.88
N GLN A 75 15.52 0.87 -4.98
CA GLN A 75 14.34 1.70 -4.78
C GLN A 75 13.26 1.35 -5.81
N VAL A 76 13.72 1.11 -7.05
CA VAL A 76 12.85 0.68 -8.14
C VAL A 76 12.23 -0.69 -7.86
N ILE A 77 13.07 -1.65 -7.48
CA ILE A 77 12.62 -3.01 -7.17
C ILE A 77 11.60 -3.02 -6.05
N LEU A 78 11.86 -2.25 -5.00
CA LEU A 78 10.99 -2.23 -3.83
C LEU A 78 9.61 -1.67 -4.13
N LEU A 79 9.58 -0.62 -4.95
CA LEU A 79 8.33 0.03 -5.34
C LEU A 79 7.54 -0.78 -6.37
N ARG A 80 8.24 -1.45 -7.29
CA ARG A 80 7.58 -2.37 -8.22
C ARG A 80 6.99 -3.60 -7.52
N ALA A 81 7.71 -4.14 -6.53
CA ALA A 81 7.27 -5.28 -5.75
C ALA A 81 6.16 -4.94 -4.75
N GLY A 82 6.14 -3.71 -4.24
CA GLY A 82 5.25 -3.39 -3.15
C GLY A 82 4.10 -2.45 -3.43
N TRP A 83 4.09 -1.79 -4.59
CA TRP A 83 3.14 -0.71 -4.86
C TRP A 83 1.68 -1.10 -4.62
N ASN A 84 1.30 -2.32 -5.03
CA ASN A 84 -0.10 -2.72 -4.98
C ASN A 84 -0.58 -2.84 -3.54
N GLU A 85 0.14 -3.61 -2.74
CA GLU A 85 -0.15 -3.70 -1.31
C GLU A 85 -0.09 -2.34 -0.60
N LEU A 86 0.84 -1.47 -1.03
CA LEU A 86 1.00 -0.16 -0.40
C LEU A 86 -0.22 0.73 -0.65
N LEU A 87 -0.74 0.66 -1.87
CA LEU A 87 -1.90 1.45 -2.25
C LEU A 87 -3.20 0.88 -1.71
N ILE A 88 -3.30 -0.45 -1.65
CA ILE A 88 -4.46 -1.08 -1.03
C ILE A 88 -4.54 -0.72 0.46
N ALA A 89 -3.43 -0.85 1.19
CA ALA A 89 -3.36 -0.43 2.61
C ALA A 89 -3.89 0.98 2.81
N SER A 90 -3.46 1.89 1.95
CA SER A 90 -3.84 3.30 2.01
C SER A 90 -5.32 3.58 1.77
N PHE A 91 -5.88 3.06 0.67
CA PHE A 91 -7.30 3.32 0.42
C PHE A 91 -8.21 2.59 1.42
N SER A 92 -7.75 1.46 1.94
CA SER A 92 -8.50 0.73 2.97
C SER A 92 -8.63 1.57 4.24
N HIS A 93 -7.51 2.15 4.69
CA HIS A 93 -7.52 3.01 5.88
C HIS A 93 -8.30 4.31 5.65
N ARG A 94 -8.18 4.87 4.46
CA ARG A 94 -8.93 6.05 4.06
C ARG A 94 -10.46 5.83 4.11
N SER A 95 -10.89 4.58 3.99
CA SER A 95 -12.32 4.23 3.83
C SER A 95 -13.03 3.81 5.12
N ILE A 96 -12.35 3.91 6.25
CA ILE A 96 -12.90 3.54 7.56
C ILE A 96 -14.22 4.25 7.92
N ALA A 97 -14.38 5.50 7.48
CA ALA A 97 -15.63 6.24 7.72
C ALA A 97 -16.70 6.00 6.66
N VAL A 98 -16.39 5.20 5.66
CA VAL A 98 -17.35 4.87 4.60
C VAL A 98 -18.15 3.63 5.00
N LYS A 99 -19.45 3.65 4.70
CA LYS A 99 -20.33 2.52 4.96
C LYS A 99 -20.42 1.64 3.72
N ASP A 100 -19.99 0.39 3.88
CA ASP A 100 -20.07 -0.64 2.82
C ASP A 100 -19.47 -0.15 1.50
N GLY A 101 -18.32 0.51 1.59
CA GLY A 101 -17.62 1.00 0.40
C GLY A 101 -16.22 1.53 0.66
N ILE A 102 -15.60 2.04 -0.41
CA ILE A 102 -14.27 2.64 -0.32
C ILE A 102 -14.24 4.02 -0.95
N LEU A 103 -13.35 4.86 -0.42
CA LEU A 103 -13.11 6.17 -0.99
C LEU A 103 -11.82 6.13 -1.78
N LEU A 104 -11.91 6.44 -3.07
CA LEU A 104 -10.75 6.45 -3.97
C LEU A 104 -10.03 7.82 -3.89
N ALA A 105 -8.82 7.87 -4.44
CA ALA A 105 -7.97 9.06 -4.35
C ALA A 105 -8.48 10.21 -5.22
N THR A 106 -9.29 9.86 -6.22
CA THR A 106 -9.95 10.84 -7.08
C THR A 106 -11.13 11.53 -6.41
N GLY A 107 -11.52 11.04 -5.23
CA GLY A 107 -12.69 11.55 -4.51
C GLY A 107 -13.95 10.76 -4.78
N LEU A 108 -13.90 9.84 -5.74
CA LEU A 108 -15.02 8.96 -6.04
C LEU A 108 -15.19 7.82 -5.01
N HIS A 109 -16.44 7.46 -4.74
CA HIS A 109 -16.71 6.33 -3.87
C HIS A 109 -17.11 5.11 -4.68
N VAL A 110 -16.65 3.93 -4.27
CA VAL A 110 -17.18 2.68 -4.79
C VAL A 110 -17.87 1.92 -3.66
N HIS A 111 -19.14 1.57 -3.85
CA HIS A 111 -19.88 0.79 -2.86
C HIS A 111 -20.04 -0.66 -3.29
N ARG A 112 -20.43 -1.52 -2.34
CA ARG A 112 -20.68 -2.96 -2.57
C ARG A 112 -21.56 -3.25 -3.80
N ASN A 113 -22.67 -2.54 -3.90
CA ASN A 113 -23.61 -2.72 -5.01
C ASN A 113 -22.95 -2.47 -6.36
N SER A 114 -22.18 -1.40 -6.45
CA SER A 114 -21.47 -1.05 -7.68
C SER A 114 -20.39 -2.08 -8.06
N ALA A 115 -19.63 -2.52 -7.05
CA ALA A 115 -18.60 -3.53 -7.27
C ALA A 115 -19.20 -4.85 -7.72
N HIS A 116 -20.28 -5.26 -7.05
CA HIS A 116 -20.98 -6.47 -7.41
C HIS A 116 -21.51 -6.39 -8.85
N SER A 117 -22.03 -5.22 -9.22
CA SER A 117 -22.63 -5.00 -10.54
C SER A 117 -21.59 -4.94 -11.67
N ALA A 118 -20.32 -4.82 -11.31
CA ALA A 118 -19.22 -4.81 -12.25
C ALA A 118 -18.55 -6.18 -12.36
N GLY A 119 -19.05 -7.16 -11.60
CA GLY A 119 -18.51 -8.50 -11.62
C GLY A 119 -17.31 -8.73 -10.69
N VAL A 120 -17.08 -7.80 -9.76
CA VAL A 120 -15.97 -7.92 -8.81
C VAL A 120 -16.43 -7.91 -7.34
N GLY A 121 -17.65 -8.36 -7.10
CA GLY A 121 -18.23 -8.35 -5.75
C GLY A 121 -17.42 -9.03 -4.66
N ALA A 122 -16.97 -10.26 -4.94
CA ALA A 122 -16.28 -11.10 -3.96
C ALA A 122 -14.94 -10.53 -3.44
N ILE A 123 -14.08 -10.07 -4.34
CA ILE A 123 -12.82 -9.46 -3.93
C ILE A 123 -13.07 -8.12 -3.19
N PHE A 124 -14.05 -7.35 -3.66
CA PHE A 124 -14.47 -6.14 -2.98
C PHE A 124 -14.91 -6.40 -1.53
N ASP A 125 -15.76 -7.42 -1.34
CA ASP A 125 -16.17 -7.85 0.01
C ASP A 125 -14.97 -8.26 0.89
N ARG A 126 -13.99 -8.97 0.34
CA ARG A 126 -12.74 -9.32 1.06
C ARG A 126 -12.02 -8.09 1.63
N VAL A 127 -11.89 -7.07 0.79
CA VAL A 127 -11.26 -5.81 1.20
C VAL A 127 -11.99 -5.20 2.40
N LEU A 128 -13.31 -5.09 2.29
CA LEU A 128 -14.13 -4.55 3.38
C LEU A 128 -14.02 -5.35 4.66
N THR A 129 -14.08 -6.67 4.57
CA THR A 129 -14.12 -7.53 5.76
C THR A 129 -12.74 -7.76 6.38
N GLU A 130 -11.72 -7.94 5.55
CA GLU A 130 -10.39 -8.32 6.05
C GLU A 130 -9.48 -7.11 6.28
N LEU A 131 -9.79 -5.98 5.62
CA LEU A 131 -8.99 -4.77 5.78
C LEU A 131 -9.74 -3.60 6.39
N VAL A 132 -10.74 -3.08 5.69
CA VAL A 132 -11.42 -1.84 6.12
C VAL A 132 -12.04 -1.99 7.52
N SER A 133 -12.84 -3.04 7.74
CA SER A 133 -13.52 -3.28 9.03
C SER A 133 -12.59 -3.58 10.19
N LYS A 134 -11.53 -4.34 9.93
CA LYS A 134 -10.53 -4.68 10.93
C LYS A 134 -9.74 -3.44 11.34
N MET A 135 -9.41 -2.60 10.36
CA MET A 135 -8.79 -1.30 10.63
C MET A 135 -9.73 -0.41 11.45
N ARG A 136 -11.00 -0.39 11.08
CA ARG A 136 -12.01 0.39 11.79
C ARG A 136 -12.16 -0.09 13.25
N ASP A 137 -12.31 -1.40 13.42
CA ASP A 137 -12.59 -2.00 14.73
C ASP A 137 -11.46 -1.88 15.76
N MET A 138 -10.21 -1.91 15.29
CA MET A 138 -9.08 -1.74 16.22
C MET A 138 -8.65 -0.27 16.26
N GLN A 139 -9.34 0.56 15.48
CA GLN A 139 -9.00 1.97 15.35
C GLN A 139 -7.52 2.16 15.04
N MET A 140 -7.05 1.48 13.99
CA MET A 140 -5.67 1.65 13.52
C MET A 140 -5.40 3.13 13.23
N ASP A 141 -4.37 3.69 13.85
CA ASP A 141 -4.08 5.12 13.63
C ASP A 141 -3.10 5.31 12.47
N LYS A 142 -2.88 6.57 12.07
CA LYS A 142 -2.05 6.87 10.89
C LYS A 142 -0.56 6.54 11.04
N THR A 143 -0.07 6.52 12.29
CA THR A 143 1.30 6.11 12.58
C THR A 143 1.45 4.61 12.34
N GLU A 144 0.50 3.85 12.85
CA GLU A 144 0.49 2.40 12.67
C GLU A 144 0.37 2.02 11.20
N LEU A 145 -0.51 2.71 10.46
CA LEU A 145 -0.66 2.45 9.03
C LEU A 145 0.66 2.75 8.30
N GLY A 146 1.25 3.90 8.62
CA GLY A 146 2.53 4.33 8.07
C GLY A 146 3.63 3.30 8.23
N CYS A 147 3.74 2.75 9.44
CA CYS A 147 4.76 1.75 9.77
C CYS A 147 4.51 0.43 9.08
N LEU A 148 3.23 0.01 9.02
CA LEU A 148 2.87 -1.20 8.27
C LEU A 148 3.29 -1.07 6.81
N ARG A 149 3.04 0.09 6.22
CA ARG A 149 3.43 0.37 4.85
C ARG A 149 4.94 0.38 4.66
N ALA A 150 5.67 0.97 5.61
CA ALA A 150 7.13 0.98 5.55
C ALA A 150 7.71 -0.44 5.65
N ILE A 151 7.06 -1.28 6.46
CA ILE A 151 7.43 -2.69 6.56
C ILE A 151 7.23 -3.38 5.22
N VAL A 152 6.09 -3.12 4.57
CA VAL A 152 5.78 -3.65 3.23
C VAL A 152 6.77 -3.10 2.19
N LEU A 153 7.06 -1.80 2.25
CA LEU A 153 8.04 -1.15 1.37
C LEU A 153 9.39 -1.86 1.48
N PHE A 154 9.90 -1.99 2.70
CA PHE A 154 11.19 -2.63 2.96
C PHE A 154 11.08 -4.17 2.98
N ASN A 155 10.78 -4.74 1.82
CA ASN A 155 10.59 -6.19 1.69
C ASN A 155 11.87 -6.84 1.21
N PRO A 156 12.56 -7.60 2.10
CA PRO A 156 13.84 -8.20 1.73
C PRO A 156 13.71 -9.40 0.80
N ASP A 157 12.48 -9.88 0.59
CA ASP A 157 12.23 -11.03 -0.30
C ASP A 157 12.14 -10.62 -1.78
N SER A 158 12.04 -9.31 -2.05
CA SER A 158 11.96 -8.80 -3.41
C SER A 158 13.13 -9.30 -4.25
N LYS A 159 12.84 -9.85 -5.44
CA LYS A 159 13.87 -10.42 -6.31
C LYS A 159 14.85 -9.39 -6.85
N GLY A 160 16.13 -9.77 -6.89
CA GLY A 160 17.14 -8.96 -7.56
C GLY A 160 17.71 -7.81 -6.77
N LEU A 161 17.37 -7.71 -5.49
CA LEU A 161 17.95 -6.70 -4.60
C LEU A 161 19.45 -6.88 -4.51
N SER A 162 20.19 -5.79 -4.61
CA SER A 162 21.66 -5.85 -4.58
C SER A 162 22.16 -6.08 -3.15
N ASN A 163 21.41 -5.58 -2.17
CA ASN A 163 21.70 -5.81 -0.77
C ASN A 163 20.41 -6.07 0.00
N PRO A 164 19.94 -7.33 0.00
CA PRO A 164 18.75 -7.69 0.79
C PRO A 164 18.92 -7.43 2.29
N ALA A 165 20.15 -7.59 2.80
CA ALA A 165 20.43 -7.41 4.23
C ALA A 165 20.18 -5.98 4.72
N GLU A 166 20.57 -5.00 3.92
CA GLU A 166 20.31 -3.58 4.19
C GLU A 166 18.81 -3.27 4.23
N VAL A 167 18.06 -3.84 3.29
CA VAL A 167 16.60 -3.68 3.27
C VAL A 167 15.98 -4.35 4.51
N GLU A 168 16.40 -5.58 4.80
CA GLU A 168 15.95 -6.29 5.98
C GLU A 168 16.26 -5.52 7.26
N ALA A 169 17.44 -4.89 7.33
CA ALA A 169 17.82 -4.05 8.46
C ALA A 169 16.88 -2.86 8.64
N LEU A 170 16.46 -2.26 7.52
CA LEU A 170 15.49 -1.17 7.59
C LEU A 170 14.12 -1.63 8.06
N ARG A 171 13.64 -2.77 7.56
CA ARG A 171 12.39 -3.37 8.03
C ARG A 171 12.42 -3.60 9.55
N GLU A 172 13.51 -4.21 10.02
CA GLU A 172 13.71 -4.48 11.45
C GLU A 172 13.59 -3.20 12.30
N LYS A 173 14.13 -2.09 11.79
CA LYS A 173 14.08 -0.81 12.49
C LYS A 173 12.68 -0.22 12.50
N VAL A 174 11.92 -0.42 11.44
CA VAL A 174 10.53 0.02 11.43
C VAL A 174 9.69 -0.74 12.46
N TYR A 175 9.85 -2.06 12.53
CA TYR A 175 8.99 -2.79 13.45
C TYR A 175 9.38 -2.66 14.92
N ALA A 176 10.68 -2.48 15.19
CA ALA A 176 11.14 -2.13 16.56
C ALA A 176 10.51 -0.80 16.98
N SER A 177 10.48 0.16 16.05
CA SER A 177 9.85 1.45 16.30
C SER A 177 8.33 1.37 16.46
N LEU A 178 7.68 0.64 15.55
CA LEU A 178 6.24 0.38 15.70
C LEU A 178 5.91 -0.27 17.05
N GLU A 179 6.61 -1.33 17.41
CA GLU A 179 6.33 -2.00 18.68
C GLU A 179 6.39 -1.06 19.89
N ALA A 180 7.43 -0.24 19.96
CA ALA A 180 7.60 0.73 21.06
C ALA A 180 6.49 1.77 21.06
N TYR A 181 6.08 2.20 19.87
CA TYR A 181 4.99 3.16 19.74
C TYR A 181 3.71 2.56 20.30
N CYS A 182 3.40 1.32 19.90
CA CYS A 182 2.18 0.63 20.33
C CYS A 182 2.11 0.45 21.85
N LYS A 183 3.24 0.04 22.43
CA LYS A 183 3.32 -0.24 23.85
C LYS A 183 3.26 1.03 24.69
N HIS A 184 3.73 2.14 24.12
CA HIS A 184 3.60 3.45 24.76
C HIS A 184 2.17 4.00 24.66
N LYS A 185 1.62 3.99 23.45
CA LYS A 185 0.30 4.60 23.21
C LYS A 185 -0.89 3.73 23.64
N TYR A 186 -0.71 2.41 23.63
CA TYR A 186 -1.76 1.46 23.99
C TYR A 186 -1.26 0.44 25.01
N PRO A 187 -0.91 0.90 26.23
CA PRO A 187 -0.20 0.02 27.17
C PRO A 187 -1.00 -1.18 27.64
N GLU A 188 -2.33 -1.09 27.56
CA GLU A 188 -3.20 -2.19 28.00
C GLU A 188 -3.70 -3.08 26.85
N GLN A 189 -3.04 -2.97 25.70
CA GLN A 189 -3.32 -3.85 24.57
C GLN A 189 -2.00 -4.48 24.14
N PRO A 190 -1.53 -5.49 24.89
CA PRO A 190 -0.20 -6.03 24.61
C PRO A 190 -0.15 -6.80 23.28
N GLY A 191 -1.30 -7.28 22.82
CA GLY A 191 -1.39 -7.97 21.54
C GLY A 191 -1.56 -7.08 20.32
N ARG A 192 -1.55 -5.76 20.52
CA ARG A 192 -1.82 -4.82 19.43
C ARG A 192 -0.80 -4.89 18.29
N PHE A 193 0.47 -4.98 18.66
CA PHE A 193 1.58 -4.98 17.70
C PHE A 193 1.46 -6.21 16.78
N ALA A 194 1.24 -7.37 17.38
CA ALA A 194 1.03 -8.61 16.65
C ALA A 194 -0.19 -8.53 15.73
N LYS A 195 -1.28 -7.97 16.24
CA LYS A 195 -2.51 -7.79 15.49
C LYS A 195 -2.31 -6.96 14.22
N LEU A 196 -1.51 -5.90 14.31
CA LEU A 196 -1.18 -5.09 13.14
C LEU A 196 -0.44 -5.92 12.09
N LEU A 197 0.61 -6.62 12.50
CA LEU A 197 1.41 -7.41 11.57
C LEU A 197 0.59 -8.56 10.99
N LEU A 198 -0.42 -9.02 11.72
CA LEU A 198 -1.21 -10.15 11.26
C LEU A 198 -2.29 -9.77 10.26
N ARG A 199 -2.36 -8.47 9.94
CA ARG A 199 -3.11 -8.01 8.76
C ARG A 199 -2.30 -8.17 7.46
N LEU A 200 -0.99 -8.38 7.57
CA LEU A 200 -0.14 -8.46 6.37
C LEU A 200 -0.35 -9.66 5.43
N PRO A 201 -0.67 -10.86 5.97
CA PRO A 201 -1.05 -11.98 5.08
C PRO A 201 -2.34 -11.72 4.27
N ALA A 202 -3.34 -11.12 4.90
CA ALA A 202 -4.58 -10.75 4.21
C ALA A 202 -4.28 -9.73 3.10
N LEU A 203 -3.45 -8.75 3.41
CA LEU A 203 -3.03 -7.72 2.44
C LEU A 203 -2.24 -8.32 1.27
N ARG A 204 -1.34 -9.27 1.56
CA ARG A 204 -0.62 -10.02 0.53
C ARG A 204 -1.60 -10.74 -0.41
N SER A 205 -2.54 -11.46 0.19
CA SER A 205 -3.53 -12.25 -0.52
C SER A 205 -4.45 -11.37 -1.38
N ILE A 206 -4.92 -10.28 -0.78
CA ILE A 206 -5.81 -9.36 -1.47
C ILE A 206 -5.06 -8.65 -2.62
N GLY A 207 -3.80 -8.31 -2.41
CA GLY A 207 -2.98 -7.68 -3.44
C GLY A 207 -2.77 -8.55 -4.67
N LEU A 208 -2.56 -9.84 -4.45
CA LEU A 208 -2.37 -10.80 -5.52
C LEU A 208 -3.61 -10.96 -6.38
N LYS A 209 -4.78 -10.97 -5.73
CA LYS A 209 -6.06 -11.14 -6.41
C LYS A 209 -6.44 -9.88 -7.19
N CYS A 210 -6.18 -8.70 -6.61
CA CYS A 210 -6.43 -7.43 -7.31
C CYS A 210 -5.56 -7.30 -8.57
N LEU A 211 -4.32 -7.77 -8.48
CA LEU A 211 -3.37 -7.75 -9.60
C LEU A 211 -3.79 -8.72 -10.70
N GLU A 212 -4.24 -9.90 -10.30
CA GLU A 212 -4.84 -10.86 -11.22
C GLU A 212 -6.01 -10.27 -12.02
N HIS A 213 -6.91 -9.56 -11.35
CA HIS A 213 -8.01 -8.86 -12.04
C HIS A 213 -7.47 -7.81 -13.00
N LEU A 214 -6.49 -7.04 -12.54
CA LEU A 214 -5.88 -5.98 -13.34
C LEU A 214 -5.29 -6.51 -14.66
N PHE A 215 -4.52 -7.60 -14.59
CA PHE A 215 -4.00 -8.25 -15.79
C PHE A 215 -5.12 -8.69 -16.75
N PHE A 216 -6.23 -9.17 -16.20
CA PHE A 216 -7.39 -9.51 -17.02
C PHE A 216 -8.00 -8.28 -17.69
N PHE A 217 -8.12 -7.17 -16.96
CA PHE A 217 -8.64 -5.92 -17.54
C PHE A 217 -7.75 -5.47 -18.70
N LYS A 218 -6.43 -5.66 -18.54
CA LYS A 218 -5.46 -5.34 -19.57
C LYS A 218 -5.61 -6.26 -20.78
N LEU A 219 -5.75 -7.57 -20.52
CA LEU A 219 -5.99 -8.57 -21.57
C LEU A 219 -7.21 -8.26 -22.46
N ILE A 220 -8.33 -7.91 -21.84
CA ILE A 220 -9.57 -7.61 -22.55
C ILE A 220 -9.43 -6.33 -23.35
N GLY A 221 -8.76 -5.32 -22.77
CA GLY A 221 -8.42 -4.11 -23.50
C GLY A 221 -9.54 -3.10 -23.66
N ASP A 222 -10.59 -3.23 -22.84
CA ASP A 222 -11.72 -2.29 -22.88
C ASP A 222 -11.73 -1.30 -21.70
N THR A 223 -10.70 -1.38 -20.86
CA THR A 223 -10.53 -0.49 -19.72
C THR A 223 -9.25 0.32 -19.92
N PRO A 224 -9.38 1.67 -19.92
CA PRO A 224 -8.23 2.56 -20.00
C PRO A 224 -7.28 2.34 -18.83
N ILE A 225 -6.02 2.10 -19.15
CA ILE A 225 -4.99 1.93 -18.13
C ILE A 225 -3.89 2.91 -18.48
N ASP A 226 -3.70 3.90 -17.60
CA ASP A 226 -2.79 4.99 -17.89
C ASP A 226 -1.34 4.54 -17.64
N THR A 227 -0.41 5.42 -17.99
CA THR A 227 0.98 5.05 -18.25
C THR A 227 1.76 4.53 -17.05
N PHE A 228 1.54 5.09 -15.87
CA PHE A 228 2.32 4.64 -14.72
C PHE A 228 1.82 3.27 -14.28
N LEU A 229 0.49 3.10 -14.25
CA LEU A 229 -0.12 1.81 -13.98
C LEU A 229 0.34 0.76 -15.02
N MET A 230 0.24 1.12 -16.29
CA MET A 230 0.72 0.27 -17.38
C MET A 230 2.19 -0.14 -17.20
N GLU A 231 3.05 0.82 -16.85
CA GLU A 231 4.47 0.52 -16.60
C GLU A 231 4.67 -0.53 -15.51
N MET A 232 3.88 -0.44 -14.44
CA MET A 232 3.92 -1.40 -13.35
C MET A 232 3.53 -2.80 -13.80
N LEU A 233 2.71 -2.90 -14.84
CA LEU A 233 2.30 -4.19 -15.38
C LEU A 233 3.33 -4.83 -16.32
N GLU A 234 4.32 -4.07 -16.78
CA GLU A 234 5.31 -4.62 -17.71
C GLU A 234 6.23 -5.69 -17.07
N ALA A 235 6.67 -6.63 -17.91
CA ALA A 235 7.39 -7.82 -17.46
C ALA A 235 8.85 -7.54 -17.11
N PRO A 236 9.34 -8.12 -15.98
CA PRO A 236 10.74 -7.99 -15.57
C PRO A 236 11.72 -8.67 -16.52
N HIS B 2 11.88 0.76 -17.07
CA HIS B 2 10.76 1.37 -16.31
C HIS B 2 11.01 2.88 -16.20
N LYS B 3 10.72 3.60 -17.27
CA LYS B 3 11.16 5.00 -17.40
C LYS B 3 10.55 5.98 -16.39
N ILE B 4 9.25 5.86 -16.12
CA ILE B 4 8.55 6.83 -15.28
C ILE B 4 9.06 6.75 -13.84
N LEU B 5 9.16 5.53 -13.31
CA LEU B 5 9.62 5.30 -11.94
C LEU B 5 11.03 5.84 -11.71
N HIS B 6 11.97 5.46 -12.57
CA HIS B 6 13.33 6.01 -12.54
C HIS B 6 13.32 7.55 -12.58
N ARG B 7 12.53 8.14 -13.45
CA ARG B 7 12.48 9.62 -13.58
C ARG B 7 12.00 10.31 -12.31
N LEU B 8 10.95 9.75 -11.69
CA LEU B 8 10.34 10.35 -10.50
C LEU B 8 11.21 10.19 -9.27
N LEU B 9 11.96 9.10 -9.21
CA LEU B 9 12.86 8.81 -8.08
C LEU B 9 14.15 9.62 -8.14
N GLN B 10 14.67 9.84 -9.35
CA GLN B 10 15.83 10.70 -9.56
C GLN B 10 15.46 12.12 -9.18
N ASP B 11 14.29 12.54 -9.67
CA ASP B 11 13.78 13.90 -9.52
C ASP B 11 12.26 13.89 -9.50
#